data_6SC9
#
_entry.id   6SC9
#
_cell.length_a   66.127
_cell.length_b   87.052
_cell.length_c   241.538
_cell.angle_alpha   90.000
_cell.angle_beta   90.000
_cell.angle_gamma   90.000
#
_symmetry.space_group_name_H-M   'I 2 2 2'
#
loop_
_entity.id
_entity.type
_entity.pdbx_description
1 polymer 'E3 ubiquitin-protein ligase RNF31'
2 polymer 'Single domain antibody'
3 non-polymer '2-[3-[2,6-bis(fluoranyl)-4-(1~{H}-pyrazol-4-yl)phenyl]-3-oxidanylidene-prop-1-enyl]-4-(1-methylpyrazol-4-yl)benzoic acid'
4 non-polymer 'ZINC ION'
5 non-polymer 'SULFATE ION'
6 non-polymer 'CHLORIDE ION'
7 water water
#
loop_
_entity_poly.entity_id
_entity_poly.type
_entity_poly.pdbx_seq_one_letter_code
_entity_poly.pdbx_strand_id
1 'polypeptide(L)'
;QECAVCGWALPHNRMQALTSCECTICPDCFRQHFTIALKEKHITDMVCPACGRPDLTDDTQLLSYFSTLDIQLRESLEPD
AYALFHKKLTEGVLMRDPKFLWCAQCSFGFIYEREQLEATCPQCHQTFCVRCKRQWEEQHRGRSCEDFQNWKRMNDPEYQ
AQGLAMYLQENGIDCPKCKFSYALARGGCMHFHCTQCRHQFCSGCYNAFYAKNKCPEPNCRVKKSLHGHHPRDCLFYLRD
WTALRLQKLLQDNNVMFNTEPPAGARAVPGGGCRVIEQKEVPNGLRDEACGKETPAGYAGLCQAHYKEYLVSLINAHSLD
PATLYEVEELETATERYLHVRPQPLAGEDPPAYQARLLQKLTEEVPLGQSIPRRRK
;
A
2 'polypeptide(L)'
;EVQLLESGGGLVQPGGSLRLSCAASGFTFRGYSMAWVRQAPGKGLEWVSTISPIGTYTYYADSVKGRFTISRDNSKNTLY
LQMNSLRAEDTAVYYCAKGSYSRGTPFDYWGQGTLVTVSS
;
B,C
#
# COMPACT_ATOMS: atom_id res chain seq x y z
N GLN A 1 42.61 19.40 16.69
CA GLN A 1 41.94 18.26 16.06
C GLN A 1 42.69 16.96 16.33
N GLU A 2 42.43 16.36 17.50
CA GLU A 2 43.10 15.12 17.88
C GLU A 2 42.22 14.34 18.84
N CYS A 3 42.44 13.02 18.89
CA CYS A 3 41.60 12.16 19.70
C CYS A 3 41.85 12.42 21.18
N ALA A 4 40.75 12.56 21.94
CA ALA A 4 40.83 13.00 23.32
C ALA A 4 41.26 11.90 24.28
N VAL A 5 41.43 10.65 23.82
CA VAL A 5 41.83 9.57 24.71
C VAL A 5 43.23 9.04 24.37
N CYS A 6 43.65 9.10 23.12
CA CYS A 6 44.98 8.63 22.74
C CYS A 6 45.87 9.71 22.15
N GLY A 7 45.32 10.86 21.77
CA GLY A 7 46.11 11.95 21.23
C GLY A 7 46.40 11.86 19.74
N TRP A 8 45.98 10.79 19.07
CA TRP A 8 46.28 10.61 17.65
C TRP A 8 45.75 11.78 16.84
N ALA A 9 46.66 12.42 16.09
CA ALA A 9 46.31 13.58 15.29
C ALA A 9 45.60 13.13 14.01
N LEU A 10 44.32 13.47 13.89
CA LEU A 10 43.52 13.13 12.73
C LEU A 10 42.63 14.33 12.38
N PRO A 11 42.24 14.46 11.12
CA PRO A 11 41.25 15.50 10.76
C PRO A 11 39.92 15.26 11.46
N HIS A 12 39.06 16.28 11.40
CA HIS A 12 37.78 16.18 12.08
C HIS A 12 36.88 15.12 11.46
N ASN A 13 36.96 14.92 10.14
CA ASN A 13 36.14 13.92 9.47
C ASN A 13 36.71 12.52 9.55
N ARG A 14 37.87 12.34 10.19
CA ARG A 14 38.45 11.03 10.41
C ARG A 14 38.14 10.48 11.79
N MET A 15 37.45 11.26 12.60
CA MET A 15 37.11 10.90 13.96
C MET A 15 35.59 10.87 14.08
N GLN A 16 35.07 10.54 15.26
CA GLN A 16 33.63 10.53 15.51
C GLN A 16 33.31 11.59 16.55
N ALA A 17 32.51 12.57 16.16
CA ALA A 17 32.11 13.64 17.06
C ALA A 17 30.95 13.16 17.92
N LEU A 18 31.23 12.86 19.19
CA LEU A 18 30.22 12.36 20.11
C LEU A 18 29.18 13.45 20.38
N THR A 19 27.92 13.14 20.12
CA THR A 19 26.89 14.18 20.12
C THR A 19 26.70 14.79 21.51
N SER A 20 26.73 13.97 22.55
CA SER A 20 26.38 14.45 23.88
C SER A 20 27.45 15.38 24.47
N CYS A 21 28.72 15.17 24.10
CA CYS A 21 29.80 15.93 24.71
C CYS A 21 30.75 16.58 23.71
N GLU A 22 30.67 16.25 22.43
CA GLU A 22 31.53 16.83 21.39
C GLU A 22 33.01 16.60 21.67
N CYS A 23 33.34 15.48 22.30
CA CYS A 23 34.71 15.04 22.46
C CYS A 23 35.06 14.07 21.34
N THR A 24 36.01 14.45 20.51
CA THR A 24 36.36 13.66 19.33
C THR A 24 37.16 12.42 19.74
N ILE A 25 36.72 11.26 19.26
CA ILE A 25 37.35 9.98 19.56
C ILE A 25 37.67 9.27 18.25
N CYS A 26 38.88 8.72 18.16
CA CYS A 26 39.30 7.99 16.97
C CYS A 26 38.49 6.69 16.84
N PRO A 27 38.41 6.12 15.64
CA PRO A 27 37.53 4.95 15.47
C PRO A 27 37.92 3.75 16.31
N ASP A 28 39.21 3.50 16.50
CA ASP A 28 39.64 2.30 17.21
C ASP A 28 39.35 2.41 18.70
N CYS A 29 39.67 3.56 19.31
CA CYS A 29 39.42 3.74 20.74
C CYS A 29 37.94 3.85 21.04
N PHE A 30 37.17 4.46 20.14
CA PHE A 30 35.72 4.46 20.29
C PHE A 30 35.18 3.05 20.29
N ARG A 31 35.72 2.18 19.43
CA ARG A 31 35.25 0.81 19.35
C ARG A 31 35.65 0.01 20.58
N GLN A 32 36.95 0.01 20.91
CA GLN A 32 37.45 -0.88 21.94
C GLN A 32 36.89 -0.56 23.31
N HIS A 33 36.56 0.71 23.59
CA HIS A 33 36.06 1.06 24.91
C HIS A 33 34.64 0.56 25.11
N PHE A 34 33.81 0.63 24.08
CA PHE A 34 32.39 0.33 24.25
C PHE A 34 32.09 -1.16 24.21
N THR A 35 32.99 -1.99 23.68
CA THR A 35 32.76 -3.43 23.73
C THR A 35 33.08 -4.00 25.10
N ILE A 36 34.21 -3.58 25.70
CA ILE A 36 34.55 -4.06 27.03
C ILE A 36 33.55 -3.54 28.05
N ALA A 37 32.95 -2.37 27.80
CA ALA A 37 31.86 -1.92 28.65
C ALA A 37 30.64 -2.82 28.51
N LEU A 38 30.45 -3.40 27.33
CA LEU A 38 29.35 -4.34 27.10
C LEU A 38 29.73 -5.77 27.46
N LYS A 39 31.02 -6.12 27.31
CA LYS A 39 31.43 -7.51 27.54
C LYS A 39 31.61 -7.81 29.02
N GLU A 40 32.39 -6.98 29.72
CA GLU A 40 32.71 -7.22 31.13
C GLU A 40 32.05 -6.25 32.09
N LYS A 41 31.78 -5.02 31.67
CA LYS A 41 31.14 -4.03 32.53
C LYS A 41 29.62 -4.11 32.34
N HIS A 42 28.90 -3.19 32.97
CA HIS A 42 27.44 -3.14 32.87
C HIS A 42 27.01 -2.02 31.92
N ILE A 43 25.69 -1.90 31.75
CA ILE A 43 25.16 -0.89 30.84
C ILE A 43 25.41 0.51 31.36
N THR A 44 25.45 0.68 32.68
CA THR A 44 25.74 1.99 33.26
C THR A 44 27.16 2.46 32.97
N ASP A 45 28.04 1.55 32.55
CA ASP A 45 29.43 1.86 32.27
C ASP A 45 29.68 2.26 30.82
N MET A 46 28.61 2.48 30.04
CA MET A 46 28.74 2.96 28.67
C MET A 46 28.97 4.48 28.62
N VAL A 47 29.51 5.05 29.68
CA VAL A 47 29.85 6.47 29.72
C VAL A 47 30.97 6.76 28.73
N CYS A 48 31.08 8.02 28.34
CA CYS A 48 32.13 8.46 27.43
C CYS A 48 33.50 8.09 28.00
N PRO A 49 34.44 7.65 27.15
CA PRO A 49 35.79 7.33 27.67
C PRO A 49 36.67 8.55 27.90
N ALA A 50 36.32 9.70 27.33
CA ALA A 50 37.14 10.90 27.47
C ALA A 50 36.65 11.78 28.61
N CYS A 51 35.46 12.36 28.46
CA CYS A 51 34.91 13.26 29.45
C CYS A 51 34.17 12.50 30.54
N GLY A 52 33.21 13.16 31.19
CA GLY A 52 32.47 12.54 32.27
C GLY A 52 31.08 12.11 31.87
N ARG A 53 30.57 12.65 30.76
CA ARG A 53 29.23 12.30 30.28
C ARG A 53 29.32 11.46 29.01
N GLN A 61 18.31 12.90 35.00
CA GLN A 61 18.18 11.53 34.53
C GLN A 61 17.37 11.47 33.24
N LEU A 62 17.95 11.98 32.15
CA LEU A 62 17.35 11.93 30.82
C LEU A 62 18.24 11.01 29.98
N LEU A 63 17.81 9.76 29.83
CA LEU A 63 18.62 8.73 29.19
C LEU A 63 18.24 8.50 27.74
N SER A 64 17.84 9.57 27.03
CA SER A 64 17.76 9.51 25.57
C SER A 64 19.14 9.50 24.93
N TYR A 65 20.20 9.62 25.73
CA TYR A 65 21.57 9.52 25.22
C TYR A 65 21.81 8.17 24.55
N PHE A 66 21.12 7.12 25.00
CA PHE A 66 21.23 5.82 24.35
C PHE A 66 20.66 5.86 22.94
N SER A 67 19.61 6.64 22.71
CA SER A 67 19.05 6.75 21.36
C SER A 67 20.04 7.38 20.40
N THR A 68 20.76 8.41 20.84
CA THR A 68 21.75 9.04 19.99
C THR A 68 23.02 8.20 19.90
N LEU A 69 23.40 7.55 21.00
CA LEU A 69 24.58 6.68 20.96
C LEU A 69 24.36 5.45 20.10
N ASP A 70 23.10 4.97 20.02
CA ASP A 70 22.80 3.80 19.21
C ASP A 70 23.17 4.02 17.74
N ILE A 71 23.10 5.26 17.26
CA ILE A 71 23.45 5.55 15.88
C ILE A 71 24.94 5.33 15.65
N GLN A 72 25.78 6.00 16.44
CA GLN A 72 27.23 5.85 16.28
C GLN A 72 27.70 4.47 16.70
N LEU A 73 27.00 3.83 17.64
CA LEU A 73 27.35 2.46 18.02
C LEU A 73 27.08 1.50 16.87
N ARG A 74 26.02 1.73 16.10
CA ARG A 74 25.72 0.86 14.96
C ARG A 74 26.82 0.92 13.92
N GLU A 75 27.44 2.09 13.73
CA GLU A 75 28.47 2.24 12.71
C GLU A 75 29.79 1.61 13.15
N SER A 76 30.32 2.04 14.30
CA SER A 76 31.65 1.63 14.74
C SER A 76 31.57 0.56 15.82
N LEU A 77 31.07 -0.62 15.43
CA LEU A 77 30.98 -1.75 16.34
C LEU A 77 30.71 -3.01 15.53
N GLU A 78 31.12 -4.14 16.09
CA GLU A 78 30.86 -5.43 15.45
C GLU A 78 29.39 -5.79 15.62
N PRO A 79 28.84 -6.61 14.70
CA PRO A 79 27.43 -7.01 14.84
C PRO A 79 27.14 -7.75 16.13
N ASP A 80 28.04 -8.63 16.57
CA ASP A 80 27.83 -9.35 17.82
C ASP A 80 27.84 -8.40 19.02
N ALA A 81 28.74 -7.42 19.01
CA ALA A 81 28.76 -6.43 20.08
C ALA A 81 27.54 -5.51 20.01
N TYR A 82 27.09 -5.20 18.79
CA TYR A 82 25.88 -4.40 18.64
C TYR A 82 24.63 -5.17 19.08
N ALA A 83 24.68 -6.51 19.05
CA ALA A 83 23.53 -7.30 19.51
C ALA A 83 23.44 -7.31 21.02
N LEU A 84 24.59 -7.34 21.71
CA LEU A 84 24.57 -7.30 23.17
C LEU A 84 24.11 -5.94 23.67
N PHE A 85 24.46 -4.87 22.96
CA PHE A 85 23.98 -3.54 23.34
C PHE A 85 22.47 -3.48 23.32
N HIS A 86 21.84 -4.12 22.34
CA HIS A 86 20.38 -4.19 22.32
C HIS A 86 19.87 -5.12 23.42
N LYS A 87 20.59 -6.21 23.68
CA LYS A 87 20.17 -7.15 24.71
C LYS A 87 20.15 -6.49 26.09
N LYS A 88 21.23 -5.78 26.45
CA LYS A 88 21.27 -5.12 27.75
C LYS A 88 20.32 -3.94 27.81
N LEU A 89 20.10 -3.26 26.67
CA LEU A 89 19.19 -2.12 26.65
C LEU A 89 17.77 -2.55 27.04
N THR A 90 17.36 -3.74 26.61
CA THR A 90 16.04 -4.24 26.96
C THR A 90 16.03 -5.03 28.27
N GLU A 91 17.12 -5.70 28.61
CA GLU A 91 17.17 -6.51 29.81
C GLU A 91 17.58 -5.71 31.05
N GLY A 92 17.88 -4.43 30.91
CA GLY A 92 18.35 -3.65 32.05
C GLY A 92 17.84 -2.22 32.13
N VAL A 93 17.27 -1.70 31.05
CA VAL A 93 16.85 -0.30 31.03
C VAL A 93 15.37 -0.19 30.66
N LEU A 94 14.93 -0.96 29.67
CA LEU A 94 13.59 -0.79 29.11
C LEU A 94 12.60 -1.88 29.47
N MET A 95 13.07 -3.08 29.85
CA MET A 95 12.23 -4.25 30.09
C MET A 95 11.42 -4.65 28.86
N ARG A 96 11.83 -4.20 27.68
CA ARG A 96 11.16 -4.48 26.43
C ARG A 96 12.04 -3.96 25.31
N ASP A 97 11.72 -4.38 24.09
CA ASP A 97 12.46 -3.92 22.92
C ASP A 97 12.32 -2.40 22.77
N PRO A 98 13.34 -1.74 22.24
CA PRO A 98 13.21 -0.29 21.99
C PRO A 98 12.31 -0.04 20.78
N LYS A 99 11.62 1.10 20.82
CA LYS A 99 10.73 1.49 19.73
C LYS A 99 11.58 2.06 18.60
N PHE A 100 11.61 1.37 17.47
CA PHE A 100 12.41 1.77 16.31
C PHE A 100 11.50 2.45 15.29
N LEU A 101 11.81 3.70 14.97
CA LEU A 101 11.04 4.49 14.02
C LEU A 101 11.81 4.63 12.71
N TRP A 102 11.10 4.49 11.59
CA TRP A 102 11.65 4.71 10.27
C TRP A 102 11.12 6.03 9.72
N CYS A 103 12.02 6.91 9.31
CA CYS A 103 11.60 8.19 8.74
C CYS A 103 11.06 7.97 7.33
N ALA A 104 9.84 8.43 7.09
CA ALA A 104 9.20 8.21 5.80
C ALA A 104 9.83 9.02 4.68
N GLN A 105 10.53 10.11 5.01
CA GLN A 105 11.08 10.99 3.98
C GLN A 105 12.53 10.68 3.63
N CYS A 106 13.29 10.06 4.54
CA CYS A 106 14.69 9.75 4.26
C CYS A 106 15.07 8.31 4.57
N SER A 107 14.14 7.50 5.08
CA SER A 107 14.33 6.05 5.26
C SER A 107 15.40 5.74 6.30
N PHE A 108 15.63 6.65 7.24
CA PHE A 108 16.58 6.42 8.33
C PHE A 108 15.87 5.84 9.54
N GLY A 109 16.44 4.80 10.13
CA GLY A 109 15.90 4.17 11.31
C GLY A 109 16.63 4.63 12.56
N PHE A 110 15.86 4.87 13.63
CA PHE A 110 16.42 5.38 14.87
C PHE A 110 15.50 5.03 16.02
N ILE A 111 16.08 4.95 17.22
CA ILE A 111 15.33 4.66 18.43
C ILE A 111 14.69 5.95 18.92
N TYR A 112 13.41 5.87 19.29
CA TYR A 112 12.65 7.03 19.76
C TYR A 112 11.87 6.59 20.99
N GLU A 113 12.22 7.15 22.16
CA GLU A 113 11.59 6.80 23.43
C GLU A 113 11.26 8.07 24.20
N ARG A 114 10.49 8.96 23.58
CA ARG A 114 10.19 10.26 24.16
C ARG A 114 8.69 10.39 24.39
N GLU A 115 8.31 11.55 24.95
CA GLU A 115 6.92 11.79 25.35
C GLU A 115 6.06 12.28 24.20
N GLN A 116 6.63 13.04 23.28
CA GLN A 116 5.85 13.78 22.30
C GLN A 116 5.34 12.89 21.19
N LEU A 117 4.29 13.37 20.51
CA LEU A 117 3.77 12.68 19.33
C LEU A 117 4.58 13.04 18.08
N GLU A 118 5.22 14.20 18.08
CA GLU A 118 6.12 14.58 17.00
C GLU A 118 7.52 14.04 17.27
N ALA A 119 8.18 13.60 16.21
CA ALA A 119 9.52 13.04 16.30
C ALA A 119 10.38 13.61 15.19
N THR A 120 11.55 14.12 15.54
CA THR A 120 12.49 14.69 14.58
C THR A 120 13.47 13.60 14.14
N CYS A 121 13.65 13.45 12.84
CA CYS A 121 14.59 12.47 12.33
C CYS A 121 16.02 12.94 12.58
N PRO A 122 16.88 12.13 13.19
CA PRO A 122 18.27 12.54 13.42
C PRO A 122 19.09 12.71 12.15
N GLN A 123 18.53 12.41 10.98
CA GLN A 123 19.23 12.55 9.71
C GLN A 123 18.71 13.71 8.89
N CYS A 124 17.43 13.67 8.49
CA CYS A 124 16.87 14.74 7.67
C CYS A 124 16.36 15.91 8.49
N HIS A 125 16.30 15.78 9.82
CA HIS A 125 15.89 16.84 10.73
C HIS A 125 14.48 17.35 10.46
N GLN A 126 13.63 16.53 9.84
CA GLN A 126 12.22 16.86 9.67
C GLN A 126 11.39 16.12 10.71
N THR A 127 10.33 16.78 11.17
CA THR A 127 9.50 16.26 12.23
C THR A 127 8.24 15.62 11.66
N PHE A 128 7.87 14.45 12.18
CA PHE A 128 6.71 13.73 11.69
C PHE A 128 5.94 13.15 12.88
N CYS A 129 4.67 12.85 12.64
CA CYS A 129 3.83 12.22 13.65
C CYS A 129 4.20 10.75 13.80
N VAL A 130 4.28 10.28 15.05
CA VAL A 130 4.72 8.91 15.30
C VAL A 130 3.67 7.88 14.91
N ARG A 131 2.41 8.28 14.74
CA ARG A 131 1.35 7.33 14.41
C ARG A 131 1.16 7.18 12.91
N CYS A 132 0.85 8.27 12.21
CA CYS A 132 0.61 8.21 10.78
C CYS A 132 1.86 8.45 9.94
N LYS A 133 2.98 8.80 10.59
CA LYS A 133 4.30 8.95 9.94
C LYS A 133 4.30 10.01 8.84
N ARG A 134 3.32 10.91 8.83
CA ARG A 134 3.30 12.01 7.88
C ARG A 134 4.02 13.22 8.47
N GLN A 135 4.44 14.12 7.58
CA GLN A 135 5.21 15.29 8.00
C GLN A 135 4.37 16.18 8.91
N TRP A 136 5.00 16.70 9.95
CA TRP A 136 4.29 17.45 10.97
C TRP A 136 3.94 18.86 10.49
N GLU A 137 2.71 19.28 10.78
CA GLU A 137 2.24 20.63 10.51
C GLU A 137 1.49 21.14 11.73
N GLU A 138 1.33 22.47 11.80
CA GLU A 138 0.61 23.07 12.91
C GLU A 138 -0.87 22.68 12.91
N GLN A 139 -1.41 22.28 11.75
CA GLN A 139 -2.81 21.87 11.68
C GLN A 139 -3.06 20.56 12.41
N HIS A 140 -2.09 19.65 12.40
CA HIS A 140 -2.26 18.35 13.04
C HIS A 140 -2.30 18.45 14.56
N ARG A 141 -1.79 19.55 15.13
CA ARG A 141 -1.77 19.70 16.58
C ARG A 141 -3.20 19.79 17.12
N GLY A 142 -3.54 18.88 18.03
CA GLY A 142 -4.88 18.84 18.60
C GLY A 142 -5.89 18.08 17.78
N ARG A 143 -5.48 17.44 16.69
CA ARG A 143 -6.39 16.72 15.82
C ARG A 143 -5.89 15.29 15.63
N SER A 144 -6.84 14.39 15.36
CA SER A 144 -6.49 13.01 15.07
C SER A 144 -5.82 12.92 13.70
N CYS A 145 -5.10 11.82 13.49
CA CYS A 145 -4.46 11.60 12.19
C CYS A 145 -5.48 11.44 11.08
N GLU A 146 -6.63 10.82 11.39
CA GLU A 146 -7.69 10.71 10.39
C GLU A 146 -8.21 12.08 9.98
N ASP A 147 -8.33 13.00 10.94
CA ASP A 147 -8.75 14.36 10.62
C ASP A 147 -7.69 15.12 9.84
N PHE A 148 -6.41 14.79 10.07
CA PHE A 148 -5.33 15.54 9.43
C PHE A 148 -5.18 15.15 7.96
N GLN A 149 -5.06 13.86 7.68
CA GLN A 149 -4.85 13.42 6.30
C GLN A 149 -6.06 13.71 5.41
N ASN A 150 -7.25 13.82 6.00
CA ASN A 150 -8.41 14.25 5.21
C ASN A 150 -8.37 15.74 4.95
N TRP A 151 -7.79 16.52 5.86
CA TRP A 151 -7.56 17.94 5.61
C TRP A 151 -6.50 18.15 4.53
N LYS A 152 -5.55 17.22 4.40
CA LYS A 152 -4.57 17.30 3.32
C LYS A 152 -5.21 16.94 1.99
N ARG A 153 -6.07 15.92 1.97
CA ARG A 153 -6.79 15.57 0.75
C ARG A 153 -7.76 16.66 0.34
N MET A 154 -8.34 17.37 1.31
CA MET A 154 -9.23 18.49 1.05
C MET A 154 -8.46 19.77 0.72
N ASN A 155 -7.14 19.69 0.56
CA ASN A 155 -6.35 20.85 0.19
C ASN A 155 -5.34 20.54 -0.90
N ASP A 156 -5.43 19.38 -1.55
CA ASP A 156 -4.49 18.99 -2.60
C ASP A 156 -5.06 19.43 -3.94
N PRO A 157 -4.51 20.48 -4.56
CA PRO A 157 -5.14 21.02 -5.80
C PRO A 157 -5.31 19.98 -6.89
N GLU A 158 -4.36 19.06 -7.04
CA GLU A 158 -4.47 18.04 -8.07
C GLU A 158 -5.57 17.04 -7.77
N TYR A 159 -6.01 16.93 -6.51
CA TYR A 159 -7.07 16.00 -6.16
C TYR A 159 -8.43 16.55 -6.54
N GLN A 160 -8.70 17.81 -6.18
CA GLN A 160 -9.98 18.43 -6.54
C GLN A 160 -10.05 18.72 -8.03
N ALA A 161 -8.90 18.89 -8.70
CA ALA A 161 -8.90 19.14 -10.14
C ALA A 161 -9.43 17.95 -10.91
N GLN A 162 -9.32 16.74 -10.34
CA GLN A 162 -9.90 15.56 -10.98
C GLN A 162 -11.42 15.55 -10.86
N GLY A 163 -11.98 16.24 -9.88
CA GLY A 163 -13.42 16.37 -9.79
C GLY A 163 -14.09 15.08 -9.34
N LEU A 164 -15.27 14.83 -9.90
CA LEU A 164 -16.04 13.64 -9.55
C LEU A 164 -15.40 12.35 -10.05
N ALA A 165 -14.33 12.43 -10.84
CA ALA A 165 -13.64 11.23 -11.27
C ALA A 165 -13.08 10.45 -10.08
N MET A 166 -12.70 11.16 -9.02
CA MET A 166 -12.22 10.49 -7.82
C MET A 166 -13.35 9.84 -7.05
N TYR A 167 -14.56 10.40 -7.14
CA TYR A 167 -15.69 9.80 -6.44
C TYR A 167 -16.14 8.51 -7.09
N LEU A 168 -16.14 8.45 -8.43
CA LEU A 168 -16.54 7.24 -9.13
C LEU A 168 -15.51 6.13 -8.94
N GLN A 169 -14.23 6.49 -8.81
CA GLN A 169 -13.19 5.49 -8.60
C GLN A 169 -13.15 5.02 -7.15
N GLU A 170 -13.52 5.88 -6.20
CA GLU A 170 -13.59 5.46 -4.81
C GLU A 170 -14.62 4.36 -4.63
N ASN A 171 -15.74 4.44 -5.35
CA ASN A 171 -16.73 3.38 -5.39
C ASN A 171 -16.19 2.27 -6.27
N GLY A 172 -15.55 1.29 -5.65
CA GLY A 172 -14.92 0.22 -6.40
C GLY A 172 -15.91 -0.77 -6.97
N ILE A 173 -15.39 -1.65 -7.83
CA ILE A 173 -16.14 -2.75 -8.39
C ILE A 173 -15.63 -4.02 -7.73
N ASP A 174 -16.40 -4.55 -6.79
CA ASP A 174 -16.01 -5.75 -6.05
C ASP A 174 -16.60 -6.97 -6.74
N CYS A 175 -15.76 -7.93 -7.10
CA CYS A 175 -16.24 -9.16 -7.71
C CYS A 175 -17.02 -9.98 -6.69
N PRO A 176 -18.21 -10.47 -7.03
CA PRO A 176 -19.05 -11.12 -6.01
C PRO A 176 -18.54 -12.48 -5.55
N LYS A 177 -17.60 -13.10 -6.25
CA LYS A 177 -17.10 -14.43 -5.87
C LYS A 177 -15.65 -14.43 -5.39
N CYS A 178 -14.78 -13.64 -6.01
CA CYS A 178 -13.39 -13.58 -5.57
C CYS A 178 -13.11 -12.38 -4.69
N LYS A 179 -14.04 -11.42 -4.60
CA LYS A 179 -13.95 -10.26 -3.72
C LYS A 179 -12.74 -9.37 -4.00
N PHE A 180 -12.14 -9.49 -5.18
CA PHE A 180 -11.08 -8.57 -5.56
C PHE A 180 -11.66 -7.18 -5.82
N SER A 181 -10.97 -6.15 -5.32
CA SER A 181 -11.44 -4.78 -5.42
C SER A 181 -10.76 -4.10 -6.61
N TYR A 182 -11.58 -3.49 -7.48
CA TYR A 182 -11.10 -2.74 -8.63
C TYR A 182 -11.48 -1.28 -8.44
N ALA A 183 -10.48 -0.41 -8.34
CA ALA A 183 -10.72 1.04 -8.17
C ALA A 183 -10.96 1.68 -9.54
N LEU A 184 -12.06 1.26 -10.17
CA LEU A 184 -12.42 1.75 -11.49
C LEU A 184 -13.89 2.15 -11.50
N ALA A 185 -14.23 3.00 -12.46
CA ALA A 185 -15.62 3.37 -12.69
C ALA A 185 -16.29 2.33 -13.58
N ARG A 186 -17.61 2.23 -13.44
CA ARG A 186 -18.35 1.24 -14.22
C ARG A 186 -18.38 1.61 -15.70
N GLY A 187 -18.57 2.90 -16.00
CA GLY A 187 -18.56 3.32 -17.39
C GLY A 187 -19.90 3.16 -18.07
N GLY A 188 -19.85 2.93 -19.38
CA GLY A 188 -21.06 2.82 -20.17
C GLY A 188 -21.59 1.41 -20.35
N CYS A 189 -20.72 0.42 -20.24
CA CYS A 189 -21.06 -0.98 -20.42
C CYS A 189 -21.02 -1.69 -19.08
N MET A 190 -22.05 -2.49 -18.79
CA MET A 190 -22.17 -3.13 -17.49
C MET A 190 -21.42 -4.44 -17.38
N HIS A 191 -21.03 -5.05 -18.51
CA HIS A 191 -20.35 -6.34 -18.45
C HIS A 191 -18.94 -6.19 -17.90
N PHE A 192 -18.60 -7.03 -16.92
CA PHE A 192 -17.30 -7.01 -16.29
C PHE A 192 -16.77 -8.42 -16.18
N HIS A 193 -15.54 -8.64 -16.65
CA HIS A 193 -14.88 -9.93 -16.58
C HIS A 193 -13.71 -9.82 -15.62
N CYS A 194 -13.77 -10.58 -14.52
CA CYS A 194 -12.75 -10.52 -13.49
C CYS A 194 -11.51 -11.31 -13.91
N THR A 195 -10.35 -10.66 -13.86
CA THR A 195 -9.11 -11.31 -14.28
C THR A 195 -8.74 -12.47 -13.37
N GLN A 196 -9.10 -12.41 -12.08
CA GLN A 196 -8.60 -13.38 -11.12
C GLN A 196 -9.43 -14.66 -11.11
N CYS A 197 -10.75 -14.57 -11.32
CA CYS A 197 -11.61 -15.73 -11.20
C CYS A 197 -12.44 -16.03 -12.45
N ARG A 198 -12.27 -15.26 -13.53
CA ARG A 198 -13.00 -15.46 -14.79
C ARG A 198 -14.51 -15.33 -14.61
N HIS A 199 -14.97 -14.62 -13.58
CA HIS A 199 -16.40 -14.44 -13.36
C HIS A 199 -16.92 -13.29 -14.23
N GLN A 200 -18.07 -13.52 -14.85
CA GLN A 200 -18.74 -12.51 -15.66
C GLN A 200 -19.99 -12.06 -14.91
N PHE A 201 -20.02 -10.79 -14.53
CA PHE A 201 -21.13 -10.25 -13.74
C PHE A 201 -21.40 -8.82 -14.18
N CYS A 202 -22.56 -8.31 -13.75
CA CYS A 202 -22.90 -6.92 -13.98
C CYS A 202 -22.25 -6.06 -12.91
N SER A 203 -21.58 -4.98 -13.33
CA SER A 203 -20.91 -4.10 -12.39
C SER A 203 -21.88 -3.18 -11.64
N GLY A 204 -23.16 -3.19 -12.00
CA GLY A 204 -24.14 -2.33 -11.34
C GLY A 204 -24.97 -3.05 -10.31
N CYS A 205 -25.35 -4.30 -10.59
CA CYS A 205 -26.16 -5.09 -9.68
C CYS A 205 -25.47 -6.33 -9.13
N TYR A 206 -24.27 -6.65 -9.61
CA TYR A 206 -23.45 -7.78 -9.15
C TYR A 206 -24.12 -9.13 -9.40
N ASN A 207 -25.05 -9.19 -10.35
CA ASN A 207 -25.64 -10.46 -10.75
C ASN A 207 -24.82 -11.09 -11.88
N ALA A 208 -24.92 -12.41 -11.99
CA ALA A 208 -24.06 -13.16 -12.91
C ALA A 208 -24.55 -13.03 -14.35
N PHE A 209 -23.60 -12.96 -15.27
CA PHE A 209 -23.88 -13.02 -16.70
C PHE A 209 -23.78 -14.48 -17.12
N TYR A 210 -24.93 -15.13 -17.30
CA TYR A 210 -24.97 -16.55 -17.58
C TYR A 210 -24.62 -16.82 -19.04
N ALA A 211 -23.82 -17.87 -19.25
CA ALA A 211 -23.44 -18.28 -20.59
C ALA A 211 -24.63 -18.98 -21.26
N LYS A 212 -24.37 -19.63 -22.39
CA LYS A 212 -25.41 -20.30 -23.15
C LYS A 212 -25.99 -21.46 -22.35
N ASN A 213 -27.31 -21.42 -22.12
CA ASN A 213 -28.05 -22.51 -21.47
C ASN A 213 -27.60 -22.74 -20.03
N LYS A 214 -27.13 -21.70 -19.36
CA LYS A 214 -26.75 -21.78 -17.96
C LYS A 214 -27.58 -20.88 -17.05
N CYS A 215 -28.55 -20.15 -17.60
CA CYS A 215 -29.39 -19.28 -16.80
C CYS A 215 -30.46 -20.11 -16.09
N PRO A 216 -30.55 -20.06 -14.77
CA PRO A 216 -31.56 -20.85 -14.04
C PRO A 216 -32.88 -20.13 -13.80
N GLU A 217 -33.01 -18.88 -14.21
CA GLU A 217 -34.23 -18.13 -13.92
C GLU A 217 -35.39 -18.69 -14.73
N PRO A 218 -36.58 -18.79 -14.13
CA PRO A 218 -37.73 -19.31 -14.87
C PRO A 218 -38.28 -18.28 -15.84
N ASN A 219 -38.94 -18.79 -16.88
CA ASN A 219 -39.63 -17.97 -17.88
C ASN A 219 -38.69 -17.04 -18.64
N CYS A 220 -37.40 -17.35 -18.68
CA CYS A 220 -36.45 -16.55 -19.44
C CYS A 220 -36.43 -17.01 -20.90
N ARG A 221 -36.58 -16.06 -21.81
CA ARG A 221 -36.71 -16.36 -23.23
C ARG A 221 -35.41 -16.16 -24.01
N VAL A 222 -34.29 -15.96 -23.32
CA VAL A 222 -33.01 -15.77 -24.00
C VAL A 222 -31.96 -16.69 -23.37
N LYS A 223 -32.38 -17.90 -23.01
CA LYS A 223 -31.48 -18.83 -22.33
C LYS A 223 -30.30 -19.25 -23.19
N LYS A 224 -30.43 -19.18 -24.51
CA LYS A 224 -29.36 -19.59 -25.42
C LYS A 224 -28.37 -18.46 -25.73
N SER A 225 -28.41 -17.37 -24.96
CA SER A 225 -27.56 -16.21 -25.24
C SER A 225 -26.92 -15.70 -23.96
N LEU A 226 -25.76 -15.06 -24.11
CA LEU A 226 -25.08 -14.43 -23.00
C LEU A 226 -25.92 -13.25 -22.50
N HIS A 227 -26.31 -13.29 -21.23
CA HIS A 227 -27.18 -12.25 -20.68
C HIS A 227 -27.16 -12.32 -19.16
N GLY A 228 -27.76 -11.31 -18.54
CA GLY A 228 -27.95 -11.29 -17.10
C GLY A 228 -29.32 -10.76 -16.75
N HIS A 229 -29.65 -10.85 -15.46
CA HIS A 229 -30.94 -10.39 -14.94
C HIS A 229 -30.67 -9.29 -13.92
N HIS A 230 -31.27 -8.12 -14.15
CA HIS A 230 -30.96 -6.94 -13.37
C HIS A 230 -32.21 -6.43 -12.65
N PRO A 231 -32.08 -5.99 -11.40
CA PRO A 231 -33.20 -5.31 -10.73
C PRO A 231 -33.53 -4.00 -11.43
N ARG A 232 -34.73 -3.50 -11.14
CA ARG A 232 -35.24 -2.33 -11.85
C ARG A 232 -34.46 -1.06 -11.53
N ASP A 233 -33.63 -1.05 -10.49
CA ASP A 233 -32.86 0.12 -10.13
C ASP A 233 -31.37 -0.04 -10.42
N CYS A 234 -31.00 -1.05 -11.23
CA CYS A 234 -29.62 -1.21 -11.63
C CYS A 234 -29.26 -0.22 -12.74
N LEU A 235 -27.99 0.15 -12.79
CA LEU A 235 -27.50 1.03 -13.85
C LEU A 235 -27.73 0.44 -15.24
N PHE A 236 -27.87 -0.88 -15.34
CA PHE A 236 -28.14 -1.50 -16.64
C PHE A 236 -29.42 -0.95 -17.25
N TYR A 237 -30.41 -0.62 -16.43
CA TYR A 237 -31.66 -0.02 -16.88
C TYR A 237 -31.68 1.49 -16.75
N LEU A 238 -31.16 2.03 -15.65
CA LEU A 238 -31.20 3.47 -15.43
C LEU A 238 -30.26 4.24 -16.34
N ARG A 239 -29.34 3.56 -17.04
CA ARG A 239 -28.51 4.25 -18.01
C ARG A 239 -29.33 4.73 -19.21
N ASP A 240 -30.45 4.07 -19.48
CA ASP A 240 -31.34 4.47 -20.57
C ASP A 240 -32.25 5.62 -20.21
N TRP A 241 -32.34 5.97 -18.92
CA TRP A 241 -33.06 7.17 -18.51
C TRP A 241 -32.28 8.40 -18.94
N THR A 242 -33.00 9.49 -19.17
CA THR A 242 -32.32 10.75 -19.42
C THR A 242 -31.81 11.33 -18.11
N ALA A 243 -30.83 12.23 -18.24
CA ALA A 243 -30.28 12.87 -17.04
C ALA A 243 -31.34 13.67 -16.30
N LEU A 244 -32.30 14.24 -17.03
CA LEU A 244 -33.35 15.02 -16.38
C LEU A 244 -34.27 14.15 -15.54
N ARG A 245 -34.66 12.99 -16.07
CA ARG A 245 -35.53 12.10 -15.30
C ARG A 245 -34.79 11.45 -14.14
N LEU A 246 -33.50 11.17 -14.30
CA LEU A 246 -32.70 10.71 -13.17
C LEU A 246 -32.62 11.79 -12.10
N GLN A 247 -32.51 13.05 -12.52
CA GLN A 247 -32.49 14.15 -11.56
C GLN A 247 -33.85 14.38 -10.92
N LYS A 248 -34.93 14.07 -11.65
CA LYS A 248 -36.26 14.24 -11.07
C LYS A 248 -36.49 13.26 -9.93
N LEU A 249 -35.99 12.03 -10.06
CA LEU A 249 -36.09 11.08 -8.96
C LEU A 249 -35.28 11.53 -7.76
N LEU A 250 -34.19 12.26 -7.99
CA LEU A 250 -33.39 12.78 -6.89
C LEU A 250 -34.04 14.00 -6.25
N GLN A 251 -34.56 14.92 -7.06
CA GLN A 251 -35.16 16.14 -6.52
C GLN A 251 -36.39 15.83 -5.68
N ASP A 252 -37.17 14.82 -6.09
CA ASP A 252 -38.38 14.47 -5.34
C ASP A 252 -38.08 13.85 -3.98
N ASN A 253 -36.82 13.48 -3.72
CA ASN A 253 -36.41 12.99 -2.41
C ASN A 253 -35.39 13.90 -1.75
N ASN A 254 -35.25 15.13 -2.23
CA ASN A 254 -34.36 16.13 -1.63
C ASN A 254 -32.92 15.63 -1.57
N VAL A 255 -32.49 14.91 -2.60
CA VAL A 255 -31.12 14.45 -2.73
C VAL A 255 -30.38 15.41 -3.65
N MET A 256 -29.32 16.04 -3.13
CA MET A 256 -28.55 16.98 -3.92
C MET A 256 -27.64 16.25 -4.90
N PHE A 257 -27.31 16.93 -5.99
CA PHE A 257 -26.43 16.38 -7.01
C PHE A 257 -25.70 17.52 -7.71
N ASN A 258 -24.53 17.21 -8.25
CA ASN A 258 -23.69 18.21 -8.89
C ASN A 258 -24.08 18.37 -10.35
N THR A 259 -24.09 19.63 -10.82
CA THR A 259 -24.30 19.94 -12.23
C THR A 259 -23.12 20.65 -12.86
N GLU A 260 -22.25 21.27 -12.07
CA GLU A 260 -21.07 22.00 -12.51
C GLU A 260 -19.82 21.39 -11.90
N PRO A 261 -18.68 21.51 -12.58
CA PRO A 261 -17.43 20.98 -12.02
C PRO A 261 -17.06 21.71 -10.74
N PRO A 262 -16.98 21.00 -9.60
CA PRO A 262 -16.65 21.61 -8.31
C PRO A 262 -15.19 22.03 -8.21
N GLY A 272 -11.96 16.87 -22.21
CA GLY A 272 -12.19 15.44 -22.10
C GLY A 272 -12.52 14.98 -20.69
N CYS A 273 -13.33 13.95 -20.58
CA CYS A 273 -13.72 13.40 -19.29
C CYS A 273 -12.51 12.76 -18.61
N ARG A 274 -12.16 13.26 -17.42
CA ARG A 274 -10.97 12.82 -16.71
C ARG A 274 -11.18 11.53 -15.91
N VAL A 275 -12.31 10.84 -16.10
CA VAL A 275 -12.52 9.57 -15.41
C VAL A 275 -11.56 8.53 -15.96
N ILE A 276 -10.79 7.91 -15.07
CA ILE A 276 -9.71 7.02 -15.47
C ILE A 276 -10.29 5.66 -15.89
N GLU A 277 -9.99 5.27 -17.13
CA GLU A 277 -10.22 3.92 -17.63
C GLU A 277 -8.88 3.23 -17.82
N GLN A 278 -8.92 1.97 -18.24
CA GLN A 278 -7.71 1.18 -18.40
C GLN A 278 -7.47 0.87 -19.87
N LYS A 279 -6.26 1.14 -20.34
CA LYS A 279 -5.89 1.01 -21.75
C LYS A 279 -5.22 -0.33 -21.99
N GLU A 280 -5.66 -1.05 -23.02
CA GLU A 280 -5.08 -2.34 -23.34
C GLU A 280 -3.70 -2.17 -23.99
N VAL A 281 -2.68 -2.74 -23.35
CA VAL A 281 -1.31 -2.64 -23.84
C VAL A 281 -0.64 -3.99 -23.74
N PRO A 282 0.38 -4.23 -24.59
CA PRO A 282 1.20 -5.44 -24.47
C PRO A 282 2.00 -5.46 -23.17
N LEU A 285 -2.25 -3.62 -18.93
CA LEU A 285 -3.24 -2.55 -19.02
C LEU A 285 -2.65 -1.22 -18.54
N ARG A 286 -2.75 -0.18 -19.37
CA ARG A 286 -2.30 1.15 -19.06
C ARG A 286 -3.48 2.01 -18.61
N ASP A 287 -3.18 3.09 -17.89
CA ASP A 287 -4.21 4.02 -17.47
C ASP A 287 -4.46 5.05 -18.56
N GLU A 288 -5.74 5.32 -18.83
CA GLU A 288 -6.13 6.26 -19.86
C GLU A 288 -7.40 6.96 -19.43
N ALA A 289 -7.45 8.28 -19.64
CA ALA A 289 -8.64 9.04 -19.31
C ALA A 289 -9.75 8.74 -20.32
N CYS A 290 -10.99 8.98 -19.88
CA CYS A 290 -12.14 8.75 -20.76
C CYS A 290 -12.07 9.62 -22.00
N GLY A 291 -11.81 10.92 -21.82
CA GLY A 291 -11.65 11.82 -22.93
C GLY A 291 -12.89 12.11 -23.74
N LYS A 292 -14.05 11.59 -23.31
CA LYS A 292 -15.28 11.83 -24.05
C LYS A 292 -15.79 13.26 -23.80
N GLU A 293 -16.73 13.68 -24.64
CA GLU A 293 -17.28 15.02 -24.55
C GLU A 293 -17.97 15.24 -23.20
N THR A 294 -17.69 16.38 -22.57
CA THR A 294 -18.26 16.75 -21.29
C THR A 294 -19.28 17.86 -21.50
N PRO A 295 -20.55 17.54 -21.69
CA PRO A 295 -21.55 18.58 -21.96
C PRO A 295 -21.79 19.46 -20.75
N ALA A 296 -22.43 20.61 -21.01
CA ALA A 296 -22.78 21.53 -19.95
C ALA A 296 -23.86 20.91 -19.05
N GLY A 297 -23.71 21.13 -17.75
CA GLY A 297 -24.65 20.58 -16.80
C GLY A 297 -24.37 19.16 -16.35
N TYR A 298 -23.25 18.58 -16.79
CA TYR A 298 -22.88 17.21 -16.42
C TYR A 298 -21.69 17.16 -15.48
N ALA A 299 -21.43 18.27 -14.77
CA ALA A 299 -20.34 18.34 -13.78
C ALA A 299 -18.99 17.97 -14.40
N GLY A 300 -18.80 18.38 -15.66
CA GLY A 300 -17.53 18.14 -16.32
C GLY A 300 -17.21 16.69 -16.58
N LEU A 301 -18.21 15.81 -16.58
CA LEU A 301 -18.02 14.39 -16.81
C LEU A 301 -18.57 14.00 -18.16
N CYS A 302 -18.29 12.76 -18.55
CA CYS A 302 -18.92 12.16 -19.72
C CYS A 302 -20.43 12.06 -19.49
N GLN A 303 -21.15 11.70 -20.56
CA GLN A 303 -22.58 11.45 -20.41
C GLN A 303 -22.82 10.15 -19.65
N ALA A 304 -22.08 9.09 -20.01
CA ALA A 304 -22.25 7.81 -19.32
C ALA A 304 -21.74 7.90 -17.89
N HIS A 305 -20.65 8.62 -17.66
CA HIS A 305 -20.09 8.72 -16.31
C HIS A 305 -20.89 9.66 -15.43
N TYR A 306 -21.59 10.63 -16.01
CA TYR A 306 -22.48 11.47 -15.21
C TYR A 306 -23.72 10.71 -14.80
N LYS A 307 -24.26 9.87 -15.70
CA LYS A 307 -25.40 9.05 -15.33
C LYS A 307 -25.00 8.00 -14.28
N GLU A 308 -23.78 7.47 -14.38
CA GLU A 308 -23.27 6.60 -13.32
C GLU A 308 -23.20 7.34 -12.00
N TYR A 309 -22.82 8.62 -12.03
CA TYR A 309 -22.76 9.41 -10.81
C TYR A 309 -24.15 9.63 -10.22
N LEU A 310 -25.15 9.86 -11.07
CA LEU A 310 -26.51 10.06 -10.57
C LEU A 310 -27.10 8.76 -10.03
N VAL A 311 -26.85 7.64 -10.73
CA VAL A 311 -27.39 6.36 -10.32
C VAL A 311 -26.81 5.93 -8.98
N SER A 312 -25.51 6.19 -8.76
CA SER A 312 -24.91 5.87 -7.46
C SER A 312 -25.59 6.63 -6.34
N LEU A 313 -25.95 7.89 -6.60
CA LEU A 313 -26.72 8.65 -5.60
C LEU A 313 -28.10 8.04 -5.41
N ILE A 314 -28.74 7.60 -6.50
CA ILE A 314 -30.04 6.96 -6.41
C ILE A 314 -29.95 5.66 -5.62
N ASN A 315 -28.93 4.84 -5.91
CA ASN A 315 -28.79 3.57 -5.23
C ASN A 315 -28.39 3.75 -3.77
N ALA A 316 -27.58 4.77 -3.47
CA ALA A 316 -27.14 4.99 -2.10
C ALA A 316 -28.31 5.28 -1.18
N HIS A 317 -29.29 6.05 -1.66
CA HIS A 317 -30.48 6.37 -0.88
C HIS A 317 -31.62 5.38 -1.11
N SER A 318 -31.40 4.33 -1.90
CA SER A 318 -32.39 3.29 -2.15
C SER A 318 -33.68 3.87 -2.72
N LEU A 319 -33.56 4.88 -3.57
CA LEU A 319 -34.73 5.46 -4.22
C LEU A 319 -35.32 4.46 -5.21
N ASP A 320 -36.65 4.40 -5.25
CA ASP A 320 -37.35 3.44 -6.09
C ASP A 320 -37.76 4.12 -7.39
N PRO A 321 -37.17 3.74 -8.53
CA PRO A 321 -37.60 4.34 -9.81
C PRO A 321 -39.03 4.00 -10.20
N ALA A 322 -39.64 3.00 -9.57
CA ALA A 322 -41.02 2.66 -9.88
C ALA A 322 -41.99 3.77 -9.46
N THR A 323 -41.57 4.67 -8.59
CA THR A 323 -42.43 5.78 -8.20
C THR A 323 -42.69 6.76 -9.34
N LEU A 324 -41.88 6.71 -10.40
CA LEU A 324 -42.10 7.53 -11.58
C LEU A 324 -42.63 6.73 -12.77
N TYR A 325 -42.81 5.42 -12.61
CA TYR A 325 -43.35 4.60 -13.69
C TYR A 325 -44.74 5.06 -14.08
N GLU A 326 -45.04 5.01 -15.36
CA GLU A 326 -46.39 5.15 -15.84
C GLU A 326 -46.95 3.74 -16.11
N VAL A 327 -48.20 3.69 -16.58
CA VAL A 327 -48.90 2.40 -16.67
C VAL A 327 -48.15 1.43 -17.56
N GLU A 328 -47.66 1.90 -18.72
CA GLU A 328 -46.96 1.00 -19.63
C GLU A 328 -45.68 0.46 -19.00
N GLU A 329 -44.96 1.31 -18.27
CA GLU A 329 -43.75 0.84 -17.59
C GLU A 329 -44.08 -0.15 -16.47
N LEU A 330 -45.18 0.11 -15.74
CA LEU A 330 -45.59 -0.79 -14.67
C LEU A 330 -46.00 -2.15 -15.21
N GLU A 331 -46.61 -2.19 -16.40
CA GLU A 331 -46.99 -3.48 -16.99
C GLU A 331 -45.76 -4.25 -17.45
N THR A 332 -44.79 -3.55 -18.04
CA THR A 332 -43.53 -4.19 -18.40
C THR A 332 -42.81 -4.74 -17.17
N ALA A 333 -42.81 -3.97 -16.08
CA ALA A 333 -42.17 -4.43 -14.86
C ALA A 333 -42.91 -5.62 -14.24
N THR A 334 -44.24 -5.66 -14.37
CA THR A 334 -45.01 -6.75 -13.79
C THR A 334 -44.75 -8.06 -14.53
N GLU A 335 -44.70 -8.01 -15.87
CA GLU A 335 -44.43 -9.22 -16.64
C GLU A 335 -42.99 -9.71 -16.44
N ARG A 336 -42.08 -8.80 -16.11
CA ARG A 336 -40.66 -9.15 -16.02
C ARG A 336 -40.31 -9.74 -14.66
N TYR A 337 -40.74 -9.08 -13.58
CA TYR A 337 -40.34 -9.49 -12.24
C TYR A 337 -41.37 -10.35 -11.53
N LEU A 338 -42.63 -10.34 -11.98
CA LEU A 338 -43.66 -11.19 -11.42
C LEU A 338 -44.15 -12.27 -12.38
N HIS A 339 -43.79 -12.18 -13.67
CA HIS A 339 -44.10 -13.21 -14.66
C HIS A 339 -45.62 -13.40 -14.81
N VAL A 340 -46.35 -12.30 -14.75
CA VAL A 340 -47.81 -12.31 -14.94
C VAL A 340 -48.18 -11.06 -15.74
N ARG A 341 -48.87 -11.25 -16.86
CA ARG A 341 -49.34 -10.11 -17.64
C ARG A 341 -50.48 -9.43 -16.90
N PRO A 342 -50.32 -8.20 -16.43
CA PRO A 342 -51.40 -7.56 -15.65
C PRO A 342 -52.62 -7.30 -16.52
N GLN A 343 -53.77 -7.24 -15.85
CA GLN A 343 -55.04 -7.01 -16.53
C GLN A 343 -55.86 -6.07 -15.66
N PRO A 344 -56.39 -4.99 -16.24
CA PRO A 344 -57.22 -4.07 -15.45
C PRO A 344 -58.53 -4.71 -15.05
N LEU A 345 -58.96 -4.43 -13.83
CA LEU A 345 -60.24 -4.92 -13.31
C LEU A 345 -61.34 -3.90 -13.58
N ALA A 346 -62.57 -4.40 -13.64
CA ALA A 346 -63.71 -3.55 -13.99
C ALA A 346 -63.92 -2.48 -12.92
N GLY A 347 -64.12 -1.25 -13.36
CA GLY A 347 -64.34 -0.13 -12.47
C GLY A 347 -63.11 0.71 -12.19
N GLU A 348 -61.94 0.29 -12.65
CA GLU A 348 -60.70 1.01 -12.39
C GLU A 348 -60.45 2.07 -13.44
N ASP A 349 -59.95 3.21 -13.00
CA ASP A 349 -59.44 4.27 -13.87
C ASP A 349 -57.92 4.18 -13.94
N PRO A 350 -57.28 4.91 -14.86
CA PRO A 350 -55.82 4.79 -15.01
C PRO A 350 -55.07 5.01 -13.71
N PRO A 351 -55.47 5.98 -12.86
CA PRO A 351 -54.79 6.08 -11.56
C PRO A 351 -54.91 4.84 -10.70
N ALA A 352 -56.11 4.24 -10.62
CA ALA A 352 -56.28 3.07 -9.76
C ALA A 352 -55.51 1.87 -10.31
N TYR A 353 -55.57 1.65 -11.62
CA TYR A 353 -54.80 0.57 -12.23
C TYR A 353 -53.30 0.78 -12.00
N GLN A 354 -52.83 2.02 -12.15
CA GLN A 354 -51.42 2.32 -11.90
C GLN A 354 -51.08 2.12 -10.42
N ALA A 355 -51.98 2.53 -9.52
CA ALA A 355 -51.71 2.41 -8.10
C ALA A 355 -51.66 0.95 -7.65
N ARG A 356 -52.52 0.10 -8.23
CA ARG A 356 -52.53 -1.30 -7.84
C ARG A 356 -51.27 -2.02 -8.32
N LEU A 357 -50.84 -1.76 -9.56
CA LEU A 357 -49.63 -2.40 -10.05
C LEU A 357 -48.40 -1.93 -9.30
N LEU A 358 -48.31 -0.63 -9.02
CA LEU A 358 -47.19 -0.11 -8.25
C LEU A 358 -47.16 -0.68 -6.84
N GLN A 359 -48.34 -0.92 -6.26
CA GLN A 359 -48.42 -1.45 -4.90
C GLN A 359 -47.90 -2.89 -4.86
N LYS A 360 -48.32 -3.72 -5.81
CA LYS A 360 -47.90 -5.12 -5.83
C LYS A 360 -46.43 -5.28 -6.15
N LEU A 361 -45.88 -4.40 -7.00
CA LEU A 361 -44.48 -4.51 -7.38
C LEU A 361 -43.56 -4.18 -6.21
N THR A 362 -43.83 -3.06 -5.52
CA THR A 362 -42.98 -2.66 -4.40
C THR A 362 -43.09 -3.61 -3.22
N GLU A 363 -44.18 -4.38 -3.13
CA GLU A 363 -44.37 -5.29 -2.01
C GLU A 363 -43.77 -6.67 -2.25
N GLU A 364 -43.72 -7.12 -3.50
CA GLU A 364 -43.26 -8.47 -3.83
C GLU A 364 -41.86 -8.51 -4.42
N VAL A 365 -41.43 -7.45 -5.11
CA VAL A 365 -40.11 -7.43 -5.73
C VAL A 365 -39.29 -6.31 -5.10
N PRO A 366 -38.33 -6.63 -4.24
CA PRO A 366 -37.51 -5.59 -3.60
C PRO A 366 -36.53 -4.96 -4.58
N LEU A 367 -35.79 -3.95 -4.11
CA LEU A 367 -34.75 -3.33 -4.91
C LEU A 367 -33.56 -4.29 -5.03
N GLY A 368 -32.47 -3.81 -5.61
CA GLY A 368 -31.28 -4.62 -5.77
C GLY A 368 -30.70 -5.09 -4.45
N GLN A 369 -30.78 -6.40 -4.19
CA GLN A 369 -30.27 -6.93 -2.94
C GLN A 369 -28.75 -6.96 -2.89
N SER A 370 -28.08 -6.83 -4.04
CA SER A 370 -26.63 -6.85 -4.08
C SER A 370 -26.05 -5.56 -4.65
N ILE A 371 -26.87 -4.56 -4.92
CA ILE A 371 -26.38 -3.29 -5.48
C ILE A 371 -25.57 -2.57 -4.42
N PRO A 372 -24.37 -2.08 -4.73
CA PRO A 372 -23.59 -1.34 -3.73
C PRO A 372 -24.24 0.00 -3.41
N ARG A 373 -24.49 0.24 -2.12
CA ARG A 373 -25.14 1.46 -1.69
C ARG A 373 -24.28 2.21 -0.67
N GLU B 1 -3.85 -2.56 -8.36
CA GLU B 1 -2.91 -2.66 -7.23
C GLU B 1 -1.60 -1.96 -7.54
N VAL B 2 -0.73 -1.87 -6.52
CA VAL B 2 0.56 -1.22 -6.69
C VAL B 2 1.46 -2.09 -7.55
N GLN B 3 2.17 -1.46 -8.49
CA GLN B 3 3.12 -2.17 -9.35
C GLN B 3 4.31 -1.27 -9.63
N LEU B 4 5.51 -1.84 -9.49
CA LEU B 4 6.76 -1.14 -9.79
C LEU B 4 7.53 -1.97 -10.81
N LEU B 5 7.78 -1.38 -11.97
CA LEU B 5 8.41 -2.08 -13.10
C LEU B 5 9.74 -1.43 -13.41
N GLU B 6 10.83 -2.11 -13.06
CA GLU B 6 12.17 -1.60 -13.35
C GLU B 6 12.62 -2.03 -14.74
N SER B 7 13.46 -1.20 -15.36
CA SER B 7 14.00 -1.48 -16.67
C SER B 7 15.26 -0.66 -16.88
N GLY B 8 16.15 -1.16 -17.73
CA GLY B 8 17.37 -0.46 -18.09
C GLY B 8 18.65 -1.14 -17.65
N GLY B 9 18.58 -2.33 -17.06
CA GLY B 9 19.76 -3.01 -16.62
C GLY B 9 20.35 -3.93 -17.67
N GLY B 10 21.66 -4.18 -17.53
CA GLY B 10 22.35 -5.05 -18.48
C GLY B 10 23.83 -5.08 -18.21
N LEU B 11 24.59 -5.41 -19.26
CA LEU B 11 26.04 -5.46 -19.20
C LEU B 11 26.64 -4.17 -19.73
N VAL B 12 27.68 -3.69 -19.05
CA VAL B 12 28.33 -2.44 -19.44
C VAL B 12 29.76 -2.45 -18.89
N GLN B 13 30.72 -2.05 -19.73
CA GLN B 13 32.11 -2.03 -19.32
C GLN B 13 32.33 -1.01 -18.20
N PRO B 14 33.36 -1.20 -17.39
CA PRO B 14 33.65 -0.24 -16.31
C PRO B 14 33.91 1.15 -16.86
N GLY B 15 33.42 2.16 -16.14
CA GLY B 15 33.53 3.54 -16.56
C GLY B 15 32.44 4.00 -17.49
N GLY B 16 31.52 3.12 -17.89
CA GLY B 16 30.44 3.49 -18.76
C GLY B 16 29.32 4.21 -18.03
N SER B 17 28.15 4.23 -18.66
CA SER B 17 26.97 4.87 -18.11
C SER B 17 25.76 3.97 -18.29
N LEU B 18 24.79 4.13 -17.38
CA LEU B 18 23.56 3.36 -17.43
C LEU B 18 22.48 4.14 -16.71
N ARG B 19 21.28 4.15 -17.30
CA ARG B 19 20.13 4.87 -16.73
C ARG B 19 19.00 3.87 -16.53
N LEU B 20 18.53 3.76 -15.29
CA LEU B 20 17.45 2.86 -14.94
C LEU B 20 16.14 3.63 -14.82
N SER B 21 15.04 2.92 -15.05
CA SER B 21 13.70 3.47 -14.91
C SER B 21 12.87 2.56 -14.01
N CYS B 22 11.80 3.12 -13.44
CA CYS B 22 10.88 2.34 -12.63
C CYS B 22 9.50 2.97 -12.78
N ALA B 23 8.69 2.41 -13.67
CA ALA B 23 7.34 2.91 -13.89
C ALA B 23 6.43 2.45 -12.77
N ALA B 24 5.78 3.41 -12.10
CA ALA B 24 4.91 3.12 -10.97
C ALA B 24 3.46 3.34 -11.34
N SER B 25 2.59 2.57 -10.69
CA SER B 25 1.14 2.71 -10.90
C SER B 25 0.42 2.10 -9.72
N GLY B 26 -0.85 2.48 -9.56
CA GLY B 26 -1.69 1.98 -8.51
C GLY B 26 -1.70 2.79 -7.23
N PHE B 27 -1.04 3.95 -7.21
CA PHE B 27 -1.02 4.80 -6.03
C PHE B 27 -0.69 6.22 -6.46
N THR B 28 -0.94 7.17 -5.55
CA THR B 28 -0.62 8.57 -5.80
C THR B 28 0.89 8.73 -5.78
N PHE B 29 1.51 8.72 -6.96
CA PHE B 29 2.96 8.75 -7.06
C PHE B 29 3.55 10.02 -6.45
N ARG B 30 2.89 11.15 -6.66
CA ARG B 30 3.41 12.43 -6.18
C ARG B 30 3.35 12.56 -4.66
N GLY B 31 2.73 11.61 -3.97
CA GLY B 31 2.57 11.70 -2.52
C GLY B 31 3.49 10.83 -1.70
N TYR B 32 4.41 10.11 -2.31
CA TYR B 32 5.29 9.19 -1.60
C TYR B 32 6.74 9.42 -2.00
N SER B 33 7.64 9.17 -1.06
CA SER B 33 9.07 9.13 -1.36
C SER B 33 9.41 7.82 -2.07
N MET B 34 10.38 7.88 -2.97
CA MET B 34 10.82 6.73 -3.73
C MET B 34 12.31 6.52 -3.50
N ALA B 35 12.78 5.30 -3.75
CA ALA B 35 14.14 4.94 -3.43
C ALA B 35 14.64 3.82 -4.34
N TRP B 36 15.94 3.65 -4.36
CA TRP B 36 16.60 2.55 -5.06
C TRP B 36 17.44 1.75 -4.05
N VAL B 37 17.38 0.43 -4.16
CA VAL B 37 18.19 -0.46 -3.35
C VAL B 37 18.78 -1.53 -4.27
N ARG B 38 19.87 -2.14 -3.81
CA ARG B 38 20.57 -3.13 -4.61
C ARG B 38 21.06 -4.27 -3.72
N GLN B 39 21.31 -5.42 -4.34
CA GLN B 39 21.81 -6.60 -3.64
C GLN B 39 22.92 -7.21 -4.49
N ALA B 40 24.17 -7.04 -4.05
CA ALA B 40 25.29 -7.65 -4.74
C ALA B 40 25.25 -9.17 -4.56
N PRO B 41 25.88 -9.91 -5.48
CA PRO B 41 25.87 -11.38 -5.37
C PRO B 41 26.48 -11.85 -4.07
N GLY B 42 25.78 -12.74 -3.38
CA GLY B 42 26.27 -13.32 -2.14
C GLY B 42 26.42 -12.33 -1.00
N LYS B 43 25.63 -11.25 -1.01
CA LYS B 43 25.70 -10.23 0.03
C LYS B 43 24.29 -9.81 0.42
N GLY B 44 24.20 -8.87 1.35
CA GLY B 44 22.92 -8.40 1.83
C GLY B 44 22.42 -7.18 1.07
N LEU B 45 21.12 -6.91 1.26
CA LEU B 45 20.50 -5.77 0.60
C LEU B 45 21.13 -4.46 1.08
N GLU B 46 21.31 -3.53 0.16
CA GLU B 46 21.97 -2.26 0.45
C GLU B 46 21.16 -1.11 -0.12
N TRP B 47 20.95 -0.08 0.70
CA TRP B 47 20.26 1.12 0.25
C TRP B 47 21.18 1.98 -0.61
N VAL B 48 20.63 2.54 -1.67
CA VAL B 48 21.39 3.36 -2.62
C VAL B 48 21.05 4.84 -2.48
N SER B 49 19.77 5.20 -2.68
CA SER B 49 19.38 6.60 -2.62
C SER B 49 17.88 6.70 -2.45
N THR B 50 17.44 7.84 -1.92
CA THR B 50 16.02 8.12 -1.69
C THR B 50 15.73 9.55 -2.13
N ILE B 51 14.57 9.74 -2.75
CA ILE B 51 14.14 11.06 -3.22
C ILE B 51 12.80 11.40 -2.57
N SER B 52 12.63 12.69 -2.26
CA SER B 52 11.43 13.18 -1.61
C SER B 52 10.24 13.17 -2.59
N PRO B 53 8.99 13.33 -2.08
CA PRO B 53 7.81 13.24 -2.97
C PRO B 53 7.85 14.09 -4.22
N ILE B 54 7.99 15.42 -4.08
CA ILE B 54 8.02 16.29 -5.25
C ILE B 54 9.44 16.58 -5.72
N GLY B 55 10.46 16.06 -5.04
CA GLY B 55 11.82 16.11 -5.53
C GLY B 55 12.70 17.21 -5.00
N THR B 56 12.31 17.88 -3.92
CA THR B 56 13.14 18.95 -3.37
C THR B 56 14.35 18.41 -2.61
N TYR B 57 14.27 17.19 -2.10
CA TYR B 57 15.34 16.60 -1.31
C TYR B 57 15.77 15.27 -1.91
N THR B 58 17.08 15.04 -1.96
CA THR B 58 17.65 13.78 -2.40
C THR B 58 18.69 13.34 -1.38
N TYR B 59 18.69 12.04 -1.07
CA TYR B 59 19.63 11.45 -0.12
C TYR B 59 20.34 10.29 -0.80
N TYR B 60 21.65 10.19 -0.57
CA TYR B 60 22.47 9.18 -1.22
C TYR B 60 23.33 8.46 -0.20
N ALA B 61 23.70 7.23 -0.53
CA ALA B 61 24.72 6.52 0.25
C ALA B 61 26.10 7.11 -0.05
N ASP B 62 27.02 6.91 0.89
CA ASP B 62 28.33 7.52 0.77
C ASP B 62 29.11 6.98 -0.43
N SER B 63 28.83 5.75 -0.85
CA SER B 63 29.55 5.14 -1.96
C SER B 63 29.06 5.61 -3.32
N VAL B 64 27.93 6.30 -3.39
CA VAL B 64 27.34 6.71 -4.67
C VAL B 64 26.88 8.15 -4.64
N LYS B 65 27.32 8.91 -3.63
CA LYS B 65 26.74 10.23 -3.38
C LYS B 65 26.93 11.16 -4.58
N GLY B 66 28.07 11.08 -5.25
CA GLY B 66 28.31 11.96 -6.37
C GLY B 66 28.31 11.26 -7.70
N ARG B 67 28.38 9.92 -7.68
CA ARG B 67 28.41 9.17 -8.93
C ARG B 67 27.02 8.92 -9.48
N PHE B 68 26.05 8.67 -8.60
CA PHE B 68 24.68 8.40 -9.00
C PHE B 68 23.82 9.65 -8.80
N THR B 69 22.71 9.69 -9.53
CA THR B 69 21.76 10.81 -9.44
C THR B 69 20.35 10.26 -9.58
N ILE B 70 19.54 10.46 -8.55
CA ILE B 70 18.15 10.00 -8.54
C ILE B 70 17.25 11.16 -8.94
N SER B 71 16.18 10.85 -9.67
CA SER B 71 15.22 11.86 -10.11
C SER B 71 13.91 11.17 -10.43
N ARG B 72 12.84 11.96 -10.45
CA ARG B 72 11.51 11.43 -10.70
C ARG B 72 10.73 12.39 -11.59
N ASP B 73 9.65 11.87 -12.18
CA ASP B 73 8.74 12.63 -13.01
C ASP B 73 7.31 12.30 -12.58
N ASN B 74 6.70 13.18 -11.79
CA ASN B 74 5.36 12.92 -11.30
C ASN B 74 4.32 12.97 -12.41
N SER B 75 4.57 13.75 -13.47
CA SER B 75 3.67 13.77 -14.60
C SER B 75 3.69 12.47 -15.38
N LYS B 76 4.79 11.70 -15.29
CA LYS B 76 4.90 10.42 -15.96
C LYS B 76 4.85 9.23 -14.99
N ASN B 77 4.84 9.49 -13.68
CA ASN B 77 4.76 8.44 -12.67
C ASN B 77 5.91 7.43 -12.80
N THR B 78 7.11 7.95 -12.99
CA THR B 78 8.29 7.12 -13.16
C THR B 78 9.45 7.68 -12.35
N LEU B 79 10.24 6.78 -11.80
CA LEU B 79 11.44 7.13 -11.04
C LEU B 79 12.67 6.73 -11.85
N TYR B 80 13.69 7.60 -11.84
CA TYR B 80 14.90 7.40 -12.60
C TYR B 80 16.10 7.28 -11.67
N LEU B 81 17.17 6.67 -12.20
CA LEU B 81 18.44 6.59 -11.49
C LEU B 81 19.55 6.61 -12.53
N GLN B 82 20.29 7.72 -12.59
CA GLN B 82 21.39 7.88 -13.53
C GLN B 82 22.69 7.41 -12.88
N MET B 83 23.26 6.33 -13.43
CA MET B 83 24.49 5.75 -12.90
C MET B 83 25.64 6.06 -13.85
N ASN B 84 26.65 6.76 -13.34
CA ASN B 84 27.80 7.16 -14.11
C ASN B 84 29.07 6.58 -13.50
N SER B 85 30.03 6.24 -14.36
CA SER B 85 31.31 5.67 -13.95
C SER B 85 31.13 4.43 -13.08
N LEU B 86 30.48 3.43 -13.66
CA LEU B 86 30.17 2.21 -12.92
C LEU B 86 31.43 1.41 -12.64
N ARG B 87 31.61 1.04 -11.38
CA ARG B 87 32.75 0.26 -10.93
C ARG B 87 32.37 -1.20 -10.77
N ALA B 88 33.38 -2.04 -10.52
CA ALA B 88 33.15 -3.48 -10.46
C ALA B 88 32.20 -3.86 -9.33
N GLU B 89 32.24 -3.13 -8.22
CA GLU B 89 31.39 -3.43 -7.07
C GLU B 89 29.97 -2.90 -7.23
N ASP B 90 29.60 -2.45 -8.43
CA ASP B 90 28.24 -2.00 -8.69
C ASP B 90 27.35 -3.12 -9.21
N THR B 91 27.91 -4.30 -9.50
CA THR B 91 27.14 -5.42 -10.02
C THR B 91 26.17 -5.90 -8.96
N ALA B 92 24.87 -5.75 -9.23
CA ALA B 92 23.84 -6.11 -8.26
C ALA B 92 22.49 -6.08 -8.94
N VAL B 93 21.50 -6.69 -8.29
CA VAL B 93 20.11 -6.57 -8.70
C VAL B 93 19.55 -5.28 -8.10
N TYR B 94 19.01 -4.41 -8.95
CA TYR B 94 18.55 -3.09 -8.53
C TYR B 94 17.03 -3.07 -8.44
N TYR B 95 16.52 -2.72 -7.25
CA TYR B 95 15.09 -2.61 -7.02
C TYR B 95 14.72 -1.15 -6.73
N CYS B 96 13.55 -0.74 -7.21
CA CYS B 96 12.95 0.53 -6.80
C CYS B 96 11.91 0.27 -5.72
N ALA B 97 11.94 1.10 -4.69
CA ALA B 97 11.08 0.93 -3.52
C ALA B 97 10.13 2.10 -3.40
N LYS B 98 8.97 1.84 -2.79
CA LYS B 98 7.96 2.86 -2.53
C LYS B 98 7.94 3.14 -1.04
N GLY B 99 8.11 4.41 -0.67
CA GLY B 99 8.07 4.76 0.74
C GLY B 99 6.69 4.53 1.34
N SER B 100 6.68 4.22 2.63
CA SER B 100 5.44 3.88 3.33
C SER B 100 5.21 4.82 4.50
N TYR B 101 3.92 5.09 4.76
CA TYR B 101 3.50 5.81 5.94
C TYR B 101 2.94 4.87 7.02
N SER B 102 3.26 3.58 6.92
CA SER B 102 2.81 2.58 7.87
C SER B 102 3.91 2.29 8.88
N ARG B 103 3.51 2.13 10.14
CA ARG B 103 4.47 1.87 11.20
C ARG B 103 5.15 0.53 10.99
N GLY B 104 6.48 0.50 11.14
CA GLY B 104 7.23 -0.73 11.11
C GLY B 104 8.12 -0.94 9.90
N THR B 105 8.10 -0.03 8.92
CA THR B 105 8.93 -0.19 7.74
C THR B 105 9.06 1.16 7.05
N PRO B 106 10.21 1.43 6.40
CA PRO B 106 10.31 2.63 5.57
C PRO B 106 9.76 2.43 4.17
N PHE B 107 9.72 1.19 3.68
CA PHE B 107 9.16 0.88 2.37
C PHE B 107 8.16 -0.25 2.53
N ASP B 108 7.10 -0.22 1.72
CA ASP B 108 6.12 -1.28 1.71
C ASP B 108 6.02 -2.02 0.39
N TYR B 109 6.70 -1.58 -0.66
CA TYR B 109 6.62 -2.22 -1.96
C TYR B 109 7.97 -2.16 -2.66
N TRP B 110 8.37 -3.29 -3.23
CA TRP B 110 9.57 -3.39 -4.05
C TRP B 110 9.20 -3.99 -5.40
N GLY B 111 9.98 -3.64 -6.42
CA GLY B 111 9.75 -4.14 -7.76
C GLY B 111 10.39 -5.50 -7.98
N GLN B 112 10.29 -5.98 -9.22
CA GLN B 112 10.86 -7.27 -9.59
C GLN B 112 12.39 -7.20 -9.70
N GLY B 113 12.94 -6.03 -9.97
CA GLY B 113 14.39 -5.87 -10.04
C GLY B 113 14.93 -6.10 -11.44
N THR B 114 16.07 -5.45 -11.72
CA THR B 114 16.81 -5.65 -12.95
C THR B 114 18.27 -5.96 -12.62
N LEU B 115 18.83 -6.95 -13.30
CA LEU B 115 20.21 -7.34 -13.08
C LEU B 115 21.15 -6.39 -13.81
N VAL B 116 22.25 -6.04 -13.16
CA VAL B 116 23.26 -5.15 -13.74
C VAL B 116 24.62 -5.77 -13.49
N THR B 117 25.37 -6.00 -14.57
CA THR B 117 26.73 -6.51 -14.45
C THR B 117 27.72 -5.58 -15.12
N VAL B 118 28.88 -5.43 -14.49
CA VAL B 118 29.99 -4.67 -15.03
C VAL B 118 31.13 -5.62 -15.33
N SER B 119 31.76 -5.42 -16.50
CA SER B 119 32.85 -6.27 -16.90
C SER B 119 34.19 -5.74 -16.34
N GLU C 1 27.11 -17.51 7.47
CA GLU C 1 26.20 -17.01 6.45
C GLU C 1 24.75 -17.20 6.85
N VAL C 2 23.90 -16.24 6.48
CA VAL C 2 22.49 -16.27 6.85
C VAL C 2 21.75 -17.28 6.00
N GLN C 3 20.90 -18.08 6.63
CA GLN C 3 20.09 -19.08 5.94
C GLN C 3 18.67 -19.06 6.49
N LEU C 4 17.69 -19.06 5.59
CA LEU C 4 16.28 -19.03 5.95
C LEU C 4 15.52 -20.05 5.12
N LEU C 5 14.61 -20.79 5.76
CA LEU C 5 13.84 -21.84 5.10
C LEU C 5 12.38 -21.70 5.50
N GLU C 6 11.54 -21.37 4.52
CA GLU C 6 10.10 -21.27 4.73
C GLU C 6 9.44 -22.64 4.56
N SER C 7 8.26 -22.78 5.16
CA SER C 7 7.49 -24.01 5.05
C SER C 7 6.05 -23.73 5.44
N GLY C 8 5.15 -24.58 4.97
CA GLY C 8 3.74 -24.50 5.31
C GLY C 8 2.83 -24.06 4.18
N GLY C 9 3.37 -23.69 3.03
CA GLY C 9 2.54 -23.24 1.93
C GLY C 9 1.71 -24.38 1.34
N GLY C 10 0.69 -23.99 0.57
CA GLY C 10 -0.18 -24.96 -0.05
C GLY C 10 -1.40 -24.29 -0.65
N LEU C 11 -2.35 -25.12 -1.04
CA LEU C 11 -3.61 -24.67 -1.63
C LEU C 11 -4.68 -24.59 -0.55
N VAL C 12 -5.32 -23.44 -0.44
CA VAL C 12 -6.29 -23.15 0.62
C VAL C 12 -7.61 -22.75 -0.01
N GLN C 13 -8.71 -23.24 0.56
CA GLN C 13 -10.02 -22.80 0.13
C GLN C 13 -10.30 -21.40 0.64
N PRO C 14 -11.12 -20.62 -0.07
CA PRO C 14 -11.36 -19.23 0.33
C PRO C 14 -11.98 -19.15 1.73
N GLY C 15 -11.35 -18.36 2.59
CA GLY C 15 -11.79 -18.19 3.96
C GLY C 15 -11.10 -19.09 4.97
N GLY C 16 -10.27 -20.02 4.52
CA GLY C 16 -9.60 -20.94 5.40
C GLY C 16 -8.42 -20.32 6.12
N SER C 17 -7.79 -21.13 6.96
CA SER C 17 -6.65 -20.71 7.76
C SER C 17 -5.40 -21.49 7.33
N LEU C 18 -4.24 -20.90 7.63
CA LEU C 18 -2.96 -21.51 7.31
C LEU C 18 -1.89 -20.88 8.20
N ARG C 19 -0.91 -21.70 8.59
CA ARG C 19 0.20 -21.26 9.43
C ARG C 19 1.50 -21.55 8.72
N LEU C 20 2.30 -20.51 8.50
CA LEU C 20 3.62 -20.63 7.89
C LEU C 20 4.71 -20.65 8.94
N SER C 21 5.85 -21.23 8.58
CA SER C 21 7.00 -21.35 9.46
C SER C 21 8.25 -20.86 8.75
N CYS C 22 9.29 -20.62 9.53
CA CYS C 22 10.59 -20.24 8.97
C CYS C 22 11.67 -20.60 9.97
N ALA C 23 12.63 -21.43 9.54
CA ALA C 23 13.75 -21.83 10.37
C ALA C 23 14.96 -21.01 9.96
N ALA C 24 15.53 -20.27 10.91
CA ALA C 24 16.67 -19.40 10.66
C ALA C 24 17.93 -19.97 11.29
N SER C 25 19.07 -19.63 10.69
CA SER C 25 20.37 -20.04 11.21
C SER C 25 21.44 -19.15 10.58
N GLY C 26 22.64 -19.21 11.15
CA GLY C 26 23.75 -18.42 10.67
C GLY C 26 23.86 -17.04 11.27
N PHE C 27 23.05 -16.71 12.26
CA PHE C 27 23.11 -15.41 12.92
C PHE C 27 22.36 -15.50 14.23
N THR C 28 22.62 -14.54 15.11
CA THR C 28 21.94 -14.49 16.40
C THR C 28 20.48 -14.10 16.19
N PHE C 29 19.58 -15.06 16.39
CA PHE C 29 18.17 -14.82 16.14
C PHE C 29 17.59 -13.76 17.07
N ARG C 30 18.07 -13.72 18.33
CA ARG C 30 17.47 -12.84 19.32
C ARG C 30 17.76 -11.36 19.01
N GLY C 31 18.83 -11.07 18.30
CA GLY C 31 19.27 -9.70 18.12
C GLY C 31 18.74 -8.98 16.90
N TYR C 32 17.74 -9.52 16.21
CA TYR C 32 17.24 -8.90 14.99
C TYR C 32 15.73 -9.03 14.91
N SER C 33 15.11 -8.05 14.26
CA SER C 33 13.71 -8.16 13.91
C SER C 33 13.54 -9.15 12.76
N MET C 34 12.32 -9.66 12.61
CA MET C 34 11.98 -10.57 11.53
C MET C 34 10.71 -10.09 10.84
N ALA C 35 10.63 -10.31 9.54
CA ALA C 35 9.53 -9.79 8.73
C ALA C 35 9.11 -10.80 7.69
N TRP C 36 7.85 -10.72 7.28
CA TRP C 36 7.30 -11.50 6.18
C TRP C 36 7.00 -10.58 5.01
N VAL C 37 7.40 -11.00 3.81
CA VAL C 37 7.06 -10.31 2.57
C VAL C 37 6.53 -11.35 1.59
N ARG C 38 5.79 -10.88 0.58
CA ARG C 38 5.13 -11.78 -0.35
C ARG C 38 5.23 -11.23 -1.76
N GLN C 39 5.17 -12.13 -2.74
CA GLN C 39 5.24 -11.78 -4.16
C GLN C 39 3.94 -12.24 -4.82
N ALA C 40 3.06 -11.28 -5.11
CA ALA C 40 1.84 -11.59 -5.86
C ALA C 40 2.19 -11.90 -7.31
N PRO C 41 1.31 -12.60 -8.03
CA PRO C 41 1.59 -12.91 -9.44
C PRO C 41 1.83 -11.65 -10.26
N GLY C 42 3.01 -11.59 -10.88
CA GLY C 42 3.40 -10.46 -11.71
C GLY C 42 3.93 -9.26 -10.97
N LYS C 43 4.05 -9.32 -9.65
CA LYS C 43 4.50 -8.20 -8.84
C LYS C 43 5.90 -8.48 -8.30
N GLY C 44 6.39 -7.57 -7.45
CA GLY C 44 7.70 -7.73 -6.84
C GLY C 44 7.63 -8.24 -5.41
N LEU C 45 7.70 -7.33 -4.44
CA LEU C 45 7.64 -7.69 -3.04
C LEU C 45 6.74 -6.71 -2.30
N GLU C 46 5.81 -7.24 -1.52
CA GLU C 46 4.93 -6.43 -0.69
C GLU C 46 5.16 -6.77 0.77
N TRP C 47 5.47 -5.76 1.57
CA TRP C 47 5.68 -5.97 3.00
C TRP C 47 4.39 -6.43 3.65
N VAL C 48 4.48 -7.50 4.46
CA VAL C 48 3.31 -8.09 5.12
C VAL C 48 3.29 -7.74 6.61
N SER C 49 4.33 -8.12 7.35
CA SER C 49 4.34 -7.87 8.79
C SER C 49 5.78 -7.87 9.28
N THR C 50 5.96 -7.32 10.49
CA THR C 50 7.27 -7.22 11.12
C THR C 50 7.12 -7.37 12.62
N ILE C 51 8.03 -8.13 13.24
CA ILE C 51 8.02 -8.37 14.68
C ILE C 51 9.35 -7.91 15.27
N SER C 52 9.29 -7.34 16.47
CA SER C 52 10.48 -6.87 17.16
C SER C 52 11.32 -8.05 17.65
N PRO C 53 12.59 -7.81 18.03
CA PRO C 53 13.48 -8.93 18.40
C PRO C 53 12.92 -9.89 19.43
N ILE C 54 12.22 -9.41 20.46
CA ILE C 54 11.62 -10.28 21.46
C ILE C 54 10.10 -10.28 21.37
N GLY C 55 9.54 -9.69 20.32
CA GLY C 55 8.10 -9.72 20.11
C GLY C 55 7.33 -8.63 20.82
N THR C 56 7.99 -7.57 21.27
CA THR C 56 7.29 -6.49 21.95
C THR C 56 6.32 -5.77 21.02
N TYR C 57 6.73 -5.50 19.79
CA TYR C 57 5.88 -4.80 18.83
C TYR C 57 5.70 -5.65 17.58
N THR C 58 4.46 -5.67 17.08
CA THR C 58 4.10 -6.38 15.87
C THR C 58 3.41 -5.41 14.94
N TYR C 59 3.90 -5.31 13.71
CA TYR C 59 3.36 -4.41 12.71
C TYR C 59 2.77 -5.22 11.56
N TYR C 60 1.80 -4.63 10.87
CA TYR C 60 1.11 -5.30 9.78
C TYR C 60 0.77 -4.29 8.68
N ALA C 61 0.77 -4.78 7.44
CA ALA C 61 0.18 -4.01 6.36
C ALA C 61 -1.32 -3.90 6.57
N ASP C 62 -1.92 -2.82 6.07
CA ASP C 62 -3.32 -2.55 6.33
C ASP C 62 -4.22 -3.65 5.79
N SER C 63 -3.81 -4.31 4.71
CA SER C 63 -4.64 -5.34 4.07
C SER C 63 -4.63 -6.66 4.81
N VAL C 64 -3.87 -6.80 5.89
CA VAL C 64 -3.81 -8.04 6.65
C VAL C 64 -4.10 -7.83 8.13
N LYS C 65 -4.29 -6.59 8.59
CA LYS C 65 -4.57 -6.34 9.99
C LYS C 65 -5.85 -7.03 10.40
N GLY C 66 -5.81 -7.68 11.56
CA GLY C 66 -6.94 -8.44 12.06
C GLY C 66 -7.08 -9.84 11.50
N ARG C 67 -6.43 -10.14 10.37
CA ARG C 67 -6.47 -11.45 9.77
C ARG C 67 -5.18 -12.24 9.93
N PHE C 68 -4.03 -11.57 9.95
CA PHE C 68 -2.74 -12.21 10.10
C PHE C 68 -2.17 -11.94 11.49
N THR C 69 -1.39 -12.89 11.99
CA THR C 69 -0.72 -12.76 13.29
C THR C 69 0.70 -13.26 13.15
N ILE C 70 1.66 -12.38 13.45
CA ILE C 70 3.08 -12.73 13.40
C ILE C 70 3.55 -13.09 14.81
N SER C 71 4.37 -14.13 14.90
CA SER C 71 4.92 -14.56 16.17
C SER C 71 6.28 -15.19 15.93
N ARG C 72 7.07 -15.30 17.00
CA ARG C 72 8.39 -15.89 16.92
C ARG C 72 8.69 -16.65 18.20
N ASP C 73 9.58 -17.63 18.10
CA ASP C 73 10.05 -18.42 19.23
C ASP C 73 11.58 -18.37 19.17
N ASN C 74 12.18 -17.45 19.94
CA ASN C 74 13.63 -17.29 19.91
C ASN C 74 14.35 -18.53 20.42
N SER C 75 13.69 -19.35 21.23
CA SER C 75 14.31 -20.56 21.75
C SER C 75 14.64 -21.56 20.65
N LYS C 76 13.97 -21.49 19.51
CA LYS C 76 14.24 -22.40 18.40
C LYS C 76 14.57 -21.67 17.10
N ASN C 77 14.75 -20.34 17.14
CA ASN C 77 15.12 -19.56 15.96
C ASN C 77 14.10 -19.75 14.84
N THR C 78 12.82 -19.69 15.20
CA THR C 78 11.74 -19.96 14.26
C THR C 78 10.76 -18.79 14.21
N LEU C 79 10.35 -18.44 13.00
CA LEU C 79 9.38 -17.38 12.77
C LEU C 79 8.09 -17.98 12.25
N TYR C 80 6.96 -17.48 12.74
CA TYR C 80 5.65 -18.01 12.42
C TYR C 80 4.77 -16.92 11.80
N LEU C 81 3.82 -17.34 10.97
CA LEU C 81 2.83 -16.45 10.38
C LEU C 81 1.49 -17.16 10.36
N GLN C 82 0.57 -16.74 11.22
CA GLN C 82 -0.77 -17.28 11.25
C GLN C 82 -1.65 -16.45 10.31
N MET C 83 -2.27 -17.12 9.33
CA MET C 83 -3.07 -16.44 8.32
C MET C 83 -4.49 -16.96 8.38
N ASN C 84 -5.44 -16.06 8.67
CA ASN C 84 -6.84 -16.41 8.77
C ASN C 84 -7.65 -15.66 7.72
N SER C 85 -8.80 -16.23 7.37
CA SER C 85 -9.73 -15.65 6.40
C SER C 85 -9.01 -15.30 5.10
N LEU C 86 -8.34 -16.31 4.53
CA LEU C 86 -7.56 -16.12 3.32
C LEU C 86 -8.47 -15.81 2.14
N ARG C 87 -8.17 -14.72 1.44
CA ARG C 87 -8.90 -14.29 0.26
C ARG C 87 -8.04 -14.53 -0.98
N ALA C 88 -8.69 -14.41 -2.15
CA ALA C 88 -8.00 -14.65 -3.41
C ALA C 88 -6.83 -13.70 -3.61
N GLU C 89 -6.96 -12.46 -3.13
CA GLU C 89 -5.88 -11.48 -3.28
C GLU C 89 -4.67 -11.80 -2.40
N ASP C 90 -4.78 -12.77 -1.49
CA ASP C 90 -3.65 -13.18 -0.67
C ASP C 90 -2.77 -14.22 -1.37
N THR C 91 -3.08 -14.58 -2.61
CA THR C 91 -2.27 -15.54 -3.34
C THR C 91 -0.92 -14.93 -3.70
N ALA C 92 0.16 -15.50 -3.15
CA ALA C 92 1.49 -14.96 -3.33
C ALA C 92 2.51 -15.96 -2.81
N VAL C 93 3.77 -15.71 -3.14
CA VAL C 93 4.89 -16.44 -2.58
C VAL C 93 5.35 -15.68 -1.33
N TYR C 94 5.25 -16.32 -0.16
CA TYR C 94 5.57 -15.67 1.09
C TYR C 94 7.02 -15.96 1.46
N TYR C 95 7.79 -14.90 1.69
CA TYR C 95 9.22 -14.99 1.96
C TYR C 95 9.52 -14.66 3.41
N CYS C 96 10.36 -15.48 4.03
CA CYS C 96 10.94 -15.15 5.33
C CYS C 96 12.09 -14.18 5.14
N ALA C 97 12.21 -13.19 6.03
CA ALA C 97 13.22 -12.15 5.88
C ALA C 97 13.86 -11.84 7.23
N LYS C 98 15.18 -11.61 7.21
CA LYS C 98 15.93 -11.23 8.42
C LYS C 98 16.05 -9.71 8.47
N GLY C 99 15.62 -9.12 9.58
CA GLY C 99 15.60 -7.68 9.70
C GLY C 99 16.98 -7.08 9.84
N SER C 100 17.02 -5.75 9.69
CA SER C 100 18.26 -4.99 9.79
C SER C 100 17.94 -3.60 10.30
N TYR C 101 18.92 -3.01 10.99
CA TYR C 101 18.77 -1.66 11.53
C TYR C 101 19.39 -0.61 10.62
N SER C 102 20.01 -1.00 9.51
CA SER C 102 20.68 -0.07 8.63
C SER C 102 19.67 0.78 7.85
N ARG C 103 20.12 1.96 7.44
CA ARG C 103 19.25 2.91 6.76
C ARG C 103 18.75 2.34 5.44
N GLY C 104 17.45 2.53 5.18
CA GLY C 104 16.84 2.15 3.94
C GLY C 104 16.67 0.66 3.71
N THR C 105 17.12 -0.19 4.63
CA THR C 105 17.03 -1.63 4.49
C THR C 105 16.37 -2.22 5.74
N PRO C 106 15.04 -2.28 5.78
CA PRO C 106 14.37 -2.96 6.90
C PRO C 106 14.70 -4.44 6.97
N PHE C 107 15.21 -5.03 5.89
CA PHE C 107 15.71 -6.40 5.91
C PHE C 107 16.80 -6.52 4.85
N ASP C 108 17.79 -7.35 5.12
CA ASP C 108 18.93 -7.52 4.21
C ASP C 108 18.95 -8.86 3.48
N TYR C 109 18.34 -9.90 4.05
CA TYR C 109 18.27 -11.21 3.42
C TYR C 109 16.84 -11.72 3.49
N TRP C 110 16.41 -12.42 2.44
CA TRP C 110 15.13 -13.12 2.47
C TRP C 110 15.28 -14.47 1.78
N GLY C 111 14.45 -15.42 2.21
CA GLY C 111 14.62 -16.82 1.85
C GLY C 111 14.09 -17.17 0.47
N GLN C 112 13.91 -18.48 0.26
CA GLN C 112 13.42 -18.97 -1.03
C GLN C 112 11.92 -18.80 -1.17
N GLY C 113 11.17 -18.87 -0.07
CA GLY C 113 9.74 -18.61 -0.12
C GLY C 113 8.92 -19.86 -0.38
N THR C 114 7.73 -19.88 0.19
CA THR C 114 6.78 -20.97 0.01
C THR C 114 5.50 -20.44 -0.62
N LEU C 115 4.96 -21.19 -1.58
CA LEU C 115 3.83 -20.72 -2.35
C LEU C 115 2.51 -20.98 -1.62
N VAL C 116 1.64 -19.97 -1.60
CA VAL C 116 0.31 -20.07 -1.02
C VAL C 116 -0.68 -19.56 -2.05
N THR C 117 -1.66 -20.40 -2.41
CA THR C 117 -2.69 -20.03 -3.36
C THR C 117 -4.06 -20.25 -2.75
N VAL C 118 -5.00 -19.38 -3.09
CA VAL C 118 -6.37 -19.45 -2.61
C VAL C 118 -7.28 -19.76 -3.80
N SER C 119 -8.01 -20.87 -3.71
CA SER C 119 -8.85 -21.29 -4.81
C SER C 119 -10.05 -20.36 -4.99
N SER C 120 -10.54 -20.29 -6.23
CA SER C 120 -11.69 -19.45 -6.55
C SER C 120 -12.98 -20.27 -6.55
#